data_4U6Z
#
_entry.id   4U6Z
#
_cell.length_a   47.137
_cell.length_b   77.331
_cell.length_c   47.153
_cell.angle_alpha   90.00
_cell.angle_beta   93.08
_cell.angle_gamma   90.00
#
_symmetry.space_group_name_H-M   'P 1 21 1'
#
loop_
_entity.id
_entity.type
_entity.pdbx_description
1 polymer 'Methionine aminopeptidase 1'
2 non-polymer 'COBALT (II) ION'
3 non-polymer 'POTASSIUM ION'
4 non-polymer GLYCEROL
5 non-polymer '[(1R,2S)-1-amino-2-methylpentyl]phosphonic acid'
6 water water
#
_entity_poly.entity_id   1
_entity_poly.type   'polypeptide(L)'
_entity_poly.pdbx_seq_one_letter_code
;YRYTGKLRPHYPLMPTRPVPSYIQRPDYADHPLGMSESEQALKGTSQIKLLSSEDIEGMRLVCRLAREVLDVAAGMIKPG
VTTEEIDHAVHLACIARNCYPSPLNYYNFPKSCCTSVNEVICHGIPDRRPLQEGDIVNVDITLYRNGYHGDLNETFFVGE
VDDGARKLVQTTYECLMQAIDAVKPGVRYRELGNIIQKHAQANGFSVVRSYCGHGIHKLMHTAPNVPHYAKNKAVGVMKS
GHVFTIEPMICEGGWQDETWPDGWTAVTRDGKRSAQFEHTLLVTDTGCEILTRRLDSARPHFMSQF
;
_entity_poly.pdbx_strand_id   A
#
loop_
_chem_comp.id
_chem_comp.type
_chem_comp.name
_chem_comp.formula
CO non-polymer 'COBALT (II) ION' 'Co 2'
GOL non-polymer GLYCEROL 'C3 H8 O3'
K non-polymer 'POTASSIUM ION' 'K 1'
Q07 non-polymer '[(1R,2S)-1-amino-2-methylpentyl]phosphonic acid' 'C6 H16 N O3 P'
#
# COMPACT_ATOMS: atom_id res chain seq x y z
N TYR A 1 -3.11 8.24 -25.62
CA TYR A 1 -2.57 7.11 -24.81
C TYR A 1 -3.27 5.81 -25.20
N ARG A 2 -2.52 4.73 -25.32
CA ARG A 2 -3.14 3.42 -25.53
C ARG A 2 -3.28 2.70 -24.17
N TYR A 3 -4.51 2.49 -23.72
CA TYR A 3 -4.77 1.75 -22.44
C TYR A 3 -4.28 0.33 -22.60
N THR A 4 -3.84 -0.33 -21.50
CA THR A 4 -3.19 -1.64 -21.65
C THR A 4 -4.21 -2.75 -21.50
N GLY A 5 -5.41 -2.41 -20.98
CA GLY A 5 -6.42 -3.37 -20.65
C GLY A 5 -7.79 -2.80 -20.85
N LYS A 6 -8.79 -3.38 -20.20
CA LYS A 6 -10.17 -2.94 -20.29
C LYS A 6 -10.53 -1.72 -19.43
N LEU A 7 -9.76 -1.47 -18.37
CA LEU A 7 -10.12 -0.42 -17.45
C LEU A 7 -9.84 0.94 -18.07
N ARG A 8 -10.68 1.92 -17.77
CA ARG A 8 -10.54 3.27 -18.19
C ARG A 8 -10.80 4.14 -16.92
N PRO A 9 -10.22 5.33 -16.87
CA PRO A 9 -10.63 6.33 -15.80
C PRO A 9 -12.07 6.82 -16.05
N HIS A 10 -12.82 7.06 -14.99
CA HIS A 10 -14.20 7.51 -15.05
C HIS A 10 -14.25 8.87 -14.35
N TYR A 11 -14.03 9.93 -15.13
N TYR A 11 -14.06 9.92 -15.12
CA TYR A 11 -14.07 11.34 -14.73
CA TYR A 11 -14.10 11.29 -14.68
C TYR A 11 -15.42 11.98 -15.03
C TYR A 11 -15.52 11.90 -14.87
N PRO A 12 -15.71 13.16 -14.40
CA PRO A 12 -14.85 13.94 -13.48
C PRO A 12 -14.89 13.34 -12.11
N LEU A 13 -13.91 13.71 -11.31
CA LEU A 13 -13.92 13.39 -9.94
C LEU A 13 -14.76 14.42 -9.20
N MET A 14 -15.37 14.00 -8.13
CA MET A 14 -16.02 14.94 -7.18
C MET A 14 -15.00 15.94 -6.67
N PRO A 15 -15.45 17.14 -6.30
CA PRO A 15 -14.46 18.15 -5.87
C PRO A 15 -13.61 17.62 -4.69
N THR A 16 -12.38 18.07 -4.60
CA THR A 16 -11.52 17.55 -3.61
C THR A 16 -12.14 17.68 -2.21
N ARG A 17 -12.01 16.61 -1.44
CA ARG A 17 -12.70 16.58 -0.12
C ARG A 17 -11.88 17.33 0.94
N PRO A 18 -12.52 18.31 1.65
CA PRO A 18 -11.75 19.06 2.64
C PRO A 18 -11.42 18.25 3.91
N VAL A 19 -10.30 18.54 4.57
CA VAL A 19 -10.00 17.95 5.86
C VAL A 19 -10.07 19.10 6.91
N PRO A 20 -10.98 18.98 7.88
CA PRO A 20 -11.18 20.12 8.84
C PRO A 20 -9.86 20.56 9.40
N SER A 21 -9.74 21.84 9.65
CA SER A 21 -8.42 22.36 10.08
C SER A 21 -7.93 21.86 11.44
N TYR A 22 -8.78 21.30 12.29
CA TYR A 22 -8.26 20.70 13.56
C TYR A 22 -7.39 19.47 13.42
N ILE A 23 -7.51 18.77 12.29
CA ILE A 23 -6.64 17.62 12.00
C ILE A 23 -5.26 18.08 11.67
N GLN A 24 -4.26 17.55 12.33
CA GLN A 24 -2.90 17.93 12.04
C GLN A 24 -2.46 17.40 10.64
N ARG A 25 -1.78 18.25 9.88
CA ARG A 25 -1.46 18.04 8.48
C ARG A 25 0.00 17.76 8.30
N PRO A 26 0.36 16.82 7.43
CA PRO A 26 1.75 16.69 7.12
C PRO A 26 2.23 17.87 6.21
N ASP A 27 3.54 18.04 6.11
CA ASP A 27 4.11 19.19 5.34
C ASP A 27 3.60 19.37 3.87
N TYR A 28 3.40 18.27 3.14
CA TYR A 28 3.04 18.34 1.75
C TYR A 28 1.55 18.70 1.52
N ALA A 29 0.74 18.53 2.58
CA ALA A 29 -0.69 18.81 2.51
C ALA A 29 -0.94 20.17 1.86
N ASP A 30 -0.12 21.14 2.18
CA ASP A 30 -0.38 22.51 1.73
C ASP A 30 0.68 22.99 0.77
N HIS A 31 1.54 22.10 0.27
CA HIS A 31 2.41 22.46 -0.81
C HIS A 31 1.68 22.42 -2.16
N PRO A 32 1.91 23.44 -3.04
CA PRO A 32 1.14 23.47 -4.29
C PRO A 32 1.29 22.26 -5.22
N LEU A 33 2.45 21.61 -5.20
CA LEU A 33 2.72 20.43 -5.96
C LEU A 33 2.73 19.16 -5.09
N GLY A 34 2.38 19.34 -3.83
CA GLY A 34 2.29 18.20 -2.90
C GLY A 34 3.66 17.65 -2.59
N MET A 35 4.73 18.47 -2.67
CA MET A 35 6.08 17.96 -2.33
C MET A 35 6.28 17.99 -0.84
N SER A 36 7.00 17.00 -0.33
CA SER A 36 7.28 16.91 1.09
C SER A 36 8.72 17.38 1.34
N GLU A 37 8.89 18.52 1.99
CA GLU A 37 10.24 19.09 2.22
C GLU A 37 11.03 18.10 3.08
N SER A 38 10.36 17.58 4.12
CA SER A 38 10.99 16.65 5.04
C SER A 38 11.43 15.39 4.29
N GLU A 39 10.62 14.88 3.34
CA GLU A 39 11.10 13.69 2.58
C GLU A 39 12.28 13.96 1.72
N GLN A 40 12.22 15.07 1.04
CA GLN A 40 13.25 15.40 0.10
C GLN A 40 14.59 15.64 0.75
N ALA A 41 14.58 16.28 1.92
CA ALA A 41 15.81 16.58 2.65
C ALA A 41 16.60 15.31 2.91
N LEU A 42 15.89 14.24 3.31
CA LEU A 42 16.54 12.92 3.49
C LEU A 42 16.59 12.04 2.26
N LYS A 43 16.19 12.56 1.10
CA LYS A 43 16.16 11.78 -0.15
C LYS A 43 17.54 11.50 -0.70
N GLY A 44 17.75 10.24 -1.08
CA GLY A 44 19.06 9.74 -1.38
C GLY A 44 19.82 9.19 -0.16
N THR A 45 19.36 9.42 1.07
CA THR A 45 20.05 8.94 2.27
C THR A 45 19.84 7.43 2.49
N SER A 46 20.86 6.74 3.00
CA SER A 46 20.83 5.29 3.20
C SER A 46 20.58 4.89 4.63
N GLN A 47 20.72 5.85 5.53
CA GLN A 47 20.72 5.63 6.93
C GLN A 47 19.30 5.37 7.45
N ILE A 48 19.13 4.39 8.31
CA ILE A 48 17.78 3.98 8.71
C ILE A 48 17.53 4.43 10.15
N LYS A 49 16.46 5.18 10.38
CA LYS A 49 16.15 5.61 11.71
C LYS A 49 15.99 4.43 12.67
N LEU A 50 16.46 4.61 13.90
CA LEU A 50 16.13 3.71 15.01
C LEU A 50 15.12 4.38 15.87
N LEU A 51 13.91 3.82 15.88
CA LEU A 51 12.83 4.44 16.60
C LEU A 51 13.02 4.40 18.12
N SER A 52 12.64 5.49 18.76
CA SER A 52 12.61 5.59 20.19
C SER A 52 11.31 5.01 20.65
N SER A 53 11.14 4.93 21.96
CA SER A 53 9.94 4.36 22.54
C SER A 53 8.71 5.18 22.28
N GLU A 54 8.83 6.50 22.32
CA GLU A 54 7.66 7.30 21.96
C GLU A 54 7.37 7.16 20.44
N ASP A 55 8.40 7.03 19.61
CA ASP A 55 8.20 6.80 18.16
C ASP A 55 7.37 5.47 17.96
N ILE A 56 7.76 4.45 18.71
CA ILE A 56 7.08 3.16 18.64
C ILE A 56 5.62 3.27 19.08
N GLU A 57 5.30 3.98 20.15
CA GLU A 57 3.90 4.17 20.56
C GLU A 57 3.11 4.89 19.48
N GLY A 58 3.78 5.84 18.87
CA GLY A 58 3.14 6.68 17.82
C GLY A 58 2.83 5.85 16.56
N MET A 59 3.75 4.96 16.24
CA MET A 59 3.58 4.06 15.11
C MET A 59 2.51 3.03 15.40
N ARG A 60 2.53 2.47 16.61
CA ARG A 60 1.50 1.54 17.02
C ARG A 60 0.11 2.10 16.92
N LEU A 61 -0.04 3.32 17.37
CA LEU A 61 -1.30 4.01 17.31
C LEU A 61 -1.76 4.26 15.84
N VAL A 62 -0.92 4.85 15.01
CA VAL A 62 -1.43 5.24 13.69
C VAL A 62 -1.65 4.00 12.85
N CYS A 63 -0.85 2.96 13.07
CA CYS A 63 -0.98 1.69 12.29
C CYS A 63 -2.25 0.98 12.72
N ARG A 64 -2.66 1.07 14.01
CA ARG A 64 -3.88 0.40 14.35
C ARG A 64 -5.10 1.18 13.82
N LEU A 65 -4.99 2.53 13.73
CA LEU A 65 -6.06 3.31 13.21
C LEU A 65 -6.22 3.10 11.71
N ALA A 66 -5.10 2.93 11.03
CA ALA A 66 -5.11 2.64 9.58
C ALA A 66 -5.84 1.32 9.33
N ARG A 67 -5.54 0.30 10.11
CA ARG A 67 -6.19 -0.93 10.02
C ARG A 67 -7.67 -0.75 10.21
N GLU A 68 -8.12 0.00 11.20
CA GLU A 68 -9.54 0.17 11.35
C GLU A 68 -10.21 0.76 10.09
N VAL A 69 -9.47 1.68 9.45
CA VAL A 69 -10.00 2.33 8.27
C VAL A 69 -9.99 1.35 7.08
N LEU A 70 -8.98 0.53 6.98
CA LEU A 70 -9.02 -0.44 5.91
C LEU A 70 -10.24 -1.36 6.08
N ASP A 71 -10.51 -1.73 7.31
CA ASP A 71 -11.61 -2.63 7.66
C ASP A 71 -12.97 -2.01 7.28
N VAL A 72 -13.12 -0.67 7.37
CA VAL A 72 -14.32 0.03 6.91
CA VAL A 72 -14.36 -0.07 6.92
C VAL A 72 -14.43 -0.13 5.40
N ALA A 73 -13.31 0.09 4.71
CA ALA A 73 -13.35 -0.08 3.28
C ALA A 73 -13.67 -1.53 2.85
N ALA A 74 -13.07 -2.50 3.51
CA ALA A 74 -13.31 -3.93 3.21
C ALA A 74 -14.82 -4.31 3.23
N GLY A 75 -15.56 -3.70 4.15
CA GLY A 75 -17.00 -3.94 4.33
C GLY A 75 -17.86 -3.36 3.25
N MET A 76 -17.31 -2.49 2.42
CA MET A 76 -18.05 -1.89 1.34
C MET A 76 -17.87 -2.51 -0.03
N ILE A 77 -16.97 -3.44 -0.14
CA ILE A 77 -16.63 -4.04 -1.42
C ILE A 77 -17.74 -5.01 -1.93
N LYS A 78 -18.44 -4.60 -2.97
CA LYS A 78 -19.48 -5.43 -3.55
C LYS A 78 -19.80 -4.87 -4.93
N PRO A 79 -20.42 -5.66 -5.79
CA PRO A 79 -20.64 -5.11 -7.11
C PRO A 79 -21.47 -3.81 -7.07
N GLY A 80 -21.27 -2.90 -8.01
CA GLY A 80 -22.08 -1.67 -8.09
C GLY A 80 -21.58 -0.47 -7.31
N VAL A 81 -20.83 -0.70 -6.22
CA VAL A 81 -20.19 0.39 -5.43
C VAL A 81 -18.98 1.00 -6.21
N THR A 82 -18.88 2.33 -6.29
CA THR A 82 -17.82 2.99 -7.07
C THR A 82 -16.63 3.11 -6.11
N THR A 83 -15.45 3.15 -6.67
CA THR A 83 -14.24 3.38 -5.84
C THR A 83 -14.26 4.79 -5.19
N GLU A 84 -14.85 5.80 -5.84
CA GLU A 84 -15.06 7.07 -5.22
C GLU A 84 -15.93 7.03 -3.96
N GLU A 85 -16.92 6.16 -3.92
CA GLU A 85 -17.78 6.01 -2.74
C GLU A 85 -16.96 5.43 -1.59
N ILE A 86 -16.14 4.44 -1.94
CA ILE A 86 -15.26 3.82 -0.91
C ILE A 86 -14.30 4.90 -0.34
N ASP A 87 -13.70 5.69 -1.22
CA ASP A 87 -12.78 6.77 -0.79
C ASP A 87 -13.48 7.81 0.11
N HIS A 88 -14.73 8.15 -0.24
CA HIS A 88 -15.54 9.04 0.63
C HIS A 88 -15.64 8.53 2.06
N ALA A 89 -15.97 7.27 2.20
CA ALA A 89 -16.10 6.61 3.48
C ALA A 89 -14.80 6.58 4.19
N VAL A 90 -13.75 6.27 3.43
CA VAL A 90 -12.40 6.23 4.00
C VAL A 90 -12.04 7.58 4.50
N HIS A 91 -12.29 8.61 3.69
CA HIS A 91 -11.97 9.97 4.08
C HIS A 91 -12.66 10.36 5.42
N LEU A 92 -13.92 10.03 5.52
CA LEU A 92 -14.69 10.39 6.76
C LEU A 92 -14.16 9.57 7.95
N ALA A 93 -13.81 8.31 7.69
CA ALA A 93 -13.32 7.38 8.75
C ALA A 93 -11.99 7.86 9.27
N CYS A 94 -11.14 8.39 8.36
CA CYS A 94 -9.86 8.99 8.83
CA CYS A 94 -9.90 8.99 8.78
C CYS A 94 -10.11 10.18 9.75
N ILE A 95 -10.93 11.07 9.29
CA ILE A 95 -11.31 12.27 10.09
C ILE A 95 -11.92 11.92 11.42
N ALA A 96 -12.77 10.91 11.43
CA ALA A 96 -13.39 10.43 12.70
C ALA A 96 -12.35 9.93 13.72
N ARG A 97 -11.16 9.49 13.27
CA ARG A 97 -10.06 9.03 14.11
C ARG A 97 -9.02 10.07 14.28
N ASN A 98 -9.38 11.30 13.97
CA ASN A 98 -8.45 12.44 14.10
C ASN A 98 -7.14 12.24 13.38
N CYS A 99 -7.28 11.65 12.20
CA CYS A 99 -6.14 11.41 11.33
C CYS A 99 -6.29 12.17 10.01
N TYR A 100 -5.17 12.60 9.45
CA TYR A 100 -5.14 13.09 8.06
C TYR A 100 -4.97 11.88 7.07
N PRO A 101 -5.70 11.88 5.96
CA PRO A 101 -5.53 10.82 4.96
C PRO A 101 -4.25 11.08 4.17
N SER A 102 -3.20 10.39 4.56
CA SER A 102 -1.85 10.60 3.98
C SER A 102 -1.77 10.78 2.48
N PRO A 103 -2.50 10.00 1.66
CA PRO A 103 -2.35 10.15 0.23
C PRO A 103 -2.79 11.52 -0.34
N LEU A 104 -3.68 12.19 0.38
CA LEU A 104 -4.34 13.38 -0.06
C LEU A 104 -3.35 14.52 -0.28
N ASN A 105 -3.24 14.90 -1.54
CA ASN A 105 -2.23 15.87 -1.99
C ASN A 105 -0.76 15.46 -1.87
N TYR A 106 -0.48 14.18 -1.62
CA TYR A 106 0.87 13.68 -1.71
C TYR A 106 1.32 13.69 -3.15
N TYR A 107 2.25 14.60 -3.48
CA TYR A 107 2.64 14.87 -4.90
C TYR A 107 1.40 15.01 -5.77
N ASN A 108 0.42 15.72 -5.23
CA ASN A 108 -0.84 16.11 -5.86
C ASN A 108 -1.77 14.96 -6.13
N PHE A 109 -1.54 13.80 -5.51
CA PHE A 109 -2.55 12.71 -5.58
C PHE A 109 -3.91 13.28 -5.11
N PRO A 110 -4.99 13.03 -5.84
CA PRO A 110 -6.22 13.85 -5.62
C PRO A 110 -7.22 13.24 -4.64
N LYS A 111 -6.93 12.03 -4.16
CA LYS A 111 -7.88 11.27 -3.27
C LYS A 111 -7.28 10.90 -1.94
N SER A 112 -8.04 10.19 -1.13
CA SER A 112 -7.68 9.87 0.21
C SER A 112 -7.21 8.46 0.47
N CYS A 113 -7.18 7.65 -0.58
CA CYS A 113 -6.70 6.29 -0.51
C CYS A 113 -6.46 5.91 -2.02
N CYS A 114 -5.78 4.80 -2.23
CA CYS A 114 -5.61 4.26 -3.58
C CYS A 114 -6.48 2.98 -3.78
N THR A 115 -7.21 2.91 -4.87
CA THR A 115 -8.00 1.79 -5.24
C THR A 115 -7.50 1.24 -6.59
N SER A 116 -7.09 -0.02 -6.61
CA SER A 116 -6.38 -0.56 -7.73
C SER A 116 -7.06 -1.86 -8.21
N VAL A 117 -7.87 -1.68 -9.24
CA VAL A 117 -8.68 -2.73 -9.86
C VAL A 117 -7.90 -3.50 -10.96
N ASN A 118 -8.00 -4.83 -10.91
CA ASN A 118 -7.51 -5.73 -11.97
C ASN A 118 -6.09 -5.44 -12.38
N GLU A 119 -5.87 -4.83 -13.55
CA GLU A 119 -4.56 -4.60 -14.11
C GLU A 119 -3.86 -3.42 -13.54
N VAL A 120 -4.55 -2.70 -12.69
CA VAL A 120 -3.86 -1.67 -11.93
C VAL A 120 -3.05 -2.33 -10.83
N ILE A 121 -1.75 -2.10 -10.92
CA ILE A 121 -0.77 -2.60 -10.01
C ILE A 121 -0.85 -1.90 -8.61
N CYS A 122 -0.87 -0.58 -8.67
CA CYS A 122 -0.95 0.25 -7.45
C CYS A 122 -1.31 1.71 -7.84
N HIS A 123 -1.71 2.49 -6.84
CA HIS A 123 -1.92 3.94 -6.94
C HIS A 123 -3.03 4.37 -7.83
N GLY A 124 -3.98 3.47 -8.01
CA GLY A 124 -5.19 3.80 -8.62
C GLY A 124 -5.97 4.87 -7.94
N ILE A 125 -6.59 5.69 -8.78
CA ILE A 125 -7.33 6.88 -8.29
C ILE A 125 -8.80 6.57 -8.13
N PRO A 126 -9.32 6.68 -6.93
CA PRO A 126 -10.78 6.45 -6.79
C PRO A 126 -11.61 7.34 -7.74
N ASP A 127 -12.55 6.73 -8.47
CA ASP A 127 -13.29 7.45 -9.51
C ASP A 127 -14.73 6.92 -9.62
N ARG A 128 -15.44 7.26 -10.70
CA ARG A 128 -16.88 6.94 -10.81
C ARG A 128 -17.22 5.56 -11.30
N ARG A 129 -16.22 4.70 -11.53
CA ARG A 129 -16.51 3.35 -12.01
C ARG A 129 -17.10 2.48 -10.89
N PRO A 130 -18.27 1.91 -11.13
CA PRO A 130 -18.80 0.87 -10.23
C PRO A 130 -18.01 -0.42 -10.34
N LEU A 131 -17.69 -1.00 -9.17
CA LEU A 131 -16.99 -2.27 -9.17
C LEU A 131 -17.92 -3.31 -9.88
N GLN A 132 -17.30 -4.20 -10.64
CA GLN A 132 -17.97 -5.26 -11.39
C GLN A 132 -17.69 -6.62 -10.74
N GLU A 133 -18.73 -7.45 -10.68
CA GLU A 133 -18.62 -8.86 -10.26
C GLU A 133 -17.46 -9.44 -11.00
N GLY A 134 -16.57 -10.11 -10.29
CA GLY A 134 -15.40 -10.67 -11.00
C GLY A 134 -14.12 -9.86 -10.82
N ASP A 135 -14.28 -8.59 -10.40
CA ASP A 135 -13.12 -7.74 -10.26
C ASP A 135 -12.33 -8.24 -9.06
N ILE A 136 -11.02 -7.96 -9.04
CA ILE A 136 -10.26 -7.89 -7.81
C ILE A 136 -9.86 -6.40 -7.58
N VAL A 137 -9.89 -5.99 -6.33
CA VAL A 137 -9.58 -4.61 -6.02
C VAL A 137 -8.72 -4.51 -4.73
N ASN A 138 -7.61 -3.81 -4.88
CA ASN A 138 -6.79 -3.45 -3.73
C ASN A 138 -7.20 -2.05 -3.20
N VAL A 139 -7.34 -1.96 -1.85
CA VAL A 139 -7.49 -0.66 -1.18
C VAL A 139 -6.26 -0.48 -0.29
N ASP A 140 -5.55 0.64 -0.47
CA ASP A 140 -4.35 1.00 0.23
C ASP A 140 -4.70 2.28 1.04
N ILE A 141 -4.46 2.10 2.28
CA ILE A 141 -4.79 3.04 3.36
C ILE A 141 -3.49 3.55 3.93
N THR A 142 -3.38 4.86 4.02
CA THR A 142 -2.27 5.46 4.82
C THR A 142 -2.84 6.62 5.62
N LEU A 143 -2.59 6.61 6.92
CA LEU A 143 -3.08 7.61 7.88
C LEU A 143 -1.87 8.32 8.48
N TYR A 144 -2.12 9.57 8.91
CA TYR A 144 -1.13 10.40 9.57
C TYR A 144 -1.72 10.97 10.85
N ARG A 145 -1.04 10.67 11.93
CA ARG A 145 -1.49 11.09 13.25
C ARG A 145 -0.26 11.42 14.11
N ASN A 146 -0.30 12.63 14.63
CA ASN A 146 0.68 13.11 15.59
C ASN A 146 2.10 12.97 15.10
N GLY A 147 2.31 13.31 13.82
CA GLY A 147 3.61 13.16 13.17
C GLY A 147 4.04 11.82 12.55
N TYR A 148 3.22 10.76 12.69
CA TYR A 148 3.56 9.42 12.22
C TYR A 148 2.60 8.94 11.14
N HIS A 149 3.12 8.28 10.13
CA HIS A 149 2.30 7.62 9.12
C HIS A 149 2.25 6.10 9.34
N GLY A 150 1.06 5.52 9.02
CA GLY A 150 0.84 4.08 9.07
C GLY A 150 0.20 3.64 7.74
N ASP A 151 0.67 2.53 7.20
CA ASP A 151 0.40 2.19 5.76
C ASP A 151 0.10 0.69 5.66
N LEU A 152 -1.06 0.34 5.09
CA LEU A 152 -1.35 -1.01 4.75
C LEU A 152 -2.26 -1.13 3.57
N ASN A 153 -2.34 -2.33 3.03
CA ASN A 153 -3.27 -2.59 1.92
C ASN A 153 -3.57 -4.04 1.82
N GLU A 154 -4.76 -4.33 1.29
CA GLU A 154 -5.24 -5.70 0.97
C GLU A 154 -5.92 -5.69 -0.40
N THR A 155 -5.87 -6.86 -1.10
CA THR A 155 -6.67 -7.10 -2.28
C THR A 155 -7.96 -7.89 -1.85
N PHE A 156 -9.04 -7.45 -2.46
CA PHE A 156 -10.40 -7.96 -2.21
C PHE A 156 -11.02 -8.54 -3.46
N PHE A 157 -11.97 -9.49 -3.25
CA PHE A 157 -12.75 -10.05 -4.38
C PHE A 157 -14.06 -9.27 -4.42
N VAL A 158 -14.54 -9.04 -5.63
CA VAL A 158 -15.85 -8.37 -5.80
C VAL A 158 -16.82 -9.45 -6.31
N GLY A 159 -17.68 -9.93 -5.41
CA GLY A 159 -18.52 -11.12 -5.64
C GLY A 159 -17.69 -12.32 -6.04
N GLU A 160 -18.25 -13.13 -6.96
CA GLU A 160 -17.57 -14.35 -7.35
C GLU A 160 -16.43 -14.02 -8.29
N VAL A 161 -15.28 -14.60 -8.08
CA VAL A 161 -14.17 -14.39 -9.00
C VAL A 161 -13.72 -15.71 -9.57
N ASP A 162 -12.87 -15.67 -10.58
CA ASP A 162 -12.49 -16.93 -11.20
C ASP A 162 -11.28 -17.55 -10.47
N ASP A 163 -10.98 -18.81 -10.77
CA ASP A 163 -9.84 -19.48 -10.17
C ASP A 163 -8.51 -18.79 -10.28
N GLY A 164 -8.29 -18.11 -11.39
CA GLY A 164 -7.02 -17.43 -11.60
C GLY A 164 -6.90 -16.27 -10.58
N ALA A 165 -8.03 -15.60 -10.32
CA ALA A 165 -8.02 -14.54 -9.36
C ALA A 165 -7.79 -15.09 -7.97
N ARG A 166 -8.45 -16.19 -7.58
CA ARG A 166 -8.21 -16.81 -6.26
C ARG A 166 -6.76 -17.16 -6.08
N LYS A 167 -6.19 -17.75 -7.11
CA LYS A 167 -4.82 -18.16 -7.01
C LYS A 167 -3.83 -17.01 -6.96
N LEU A 168 -4.11 -15.95 -7.72
CA LEU A 168 -3.18 -14.82 -7.76
C LEU A 168 -3.20 -14.12 -6.36
N VAL A 169 -4.37 -13.98 -5.81
CA VAL A 169 -4.52 -13.19 -4.53
C VAL A 169 -3.92 -14.02 -3.41
N GLN A 170 -4.17 -15.31 -3.37
CA GLN A 170 -3.61 -16.16 -2.35
C GLN A 170 -2.08 -16.18 -2.44
N THR A 171 -1.57 -16.40 -3.63
CA THR A 171 -0.16 -16.43 -3.79
C THR A 171 0.53 -15.11 -3.33
N THR A 172 -0.14 -13.97 -3.60
CA THR A 172 0.41 -12.63 -3.28
C THR A 172 0.49 -12.53 -1.74
N TYR A 173 -0.57 -12.97 -1.08
CA TYR A 173 -0.57 -12.95 0.38
C TYR A 173 0.49 -13.84 0.98
N GLU A 174 0.69 -14.99 0.36
CA GLU A 174 1.69 -15.97 0.80
C GLU A 174 3.06 -15.35 0.58
N CYS A 175 3.27 -14.67 -0.53
CA CYS A 175 4.54 -13.95 -0.75
C CYS A 175 4.86 -12.99 0.35
N LEU A 176 3.85 -12.21 0.73
CA LEU A 176 4.02 -11.24 1.78
C LEU A 176 4.37 -11.94 3.12
N MET A 177 3.56 -12.94 3.52
CA MET A 177 3.74 -13.59 4.80
C MET A 177 5.10 -14.34 4.90
N GLN A 178 5.53 -14.92 3.81
CA GLN A 178 6.89 -15.57 3.78
C GLN A 178 8.01 -14.59 3.97
N ALA A 179 7.88 -13.43 3.34
CA ALA A 179 8.84 -12.36 3.58
C ALA A 179 8.83 -11.84 4.99
N ILE A 180 7.66 -11.57 5.51
CA ILE A 180 7.55 -11.17 6.90
C ILE A 180 8.18 -12.18 7.86
N ASP A 181 7.98 -13.46 7.61
CA ASP A 181 8.53 -14.55 8.39
C ASP A 181 10.02 -14.51 8.51
N ALA A 182 10.68 -13.98 7.49
CA ALA A 182 12.12 -13.85 7.45
C ALA A 182 12.66 -12.63 8.18
N VAL A 183 11.82 -11.67 8.60
CA VAL A 183 12.26 -10.45 9.15
C VAL A 183 12.74 -10.65 10.59
N LYS A 184 13.98 -10.23 10.84
CA LYS A 184 14.54 -10.20 12.19
C LYS A 184 15.93 -9.52 12.09
N PRO A 185 16.49 -9.14 13.25
CA PRO A 185 17.79 -8.50 13.17
C PRO A 185 18.85 -9.31 12.42
N GLY A 186 19.68 -8.59 11.66
CA GLY A 186 20.78 -9.20 10.92
C GLY A 186 20.47 -9.69 9.54
N VAL A 187 19.19 -9.65 9.14
CA VAL A 187 18.81 -10.07 7.80
C VAL A 187 18.95 -8.83 6.92
N ARG A 188 19.50 -9.04 5.75
CA ARG A 188 19.67 -7.99 4.77
C ARG A 188 18.34 -7.67 4.12
N TYR A 189 17.99 -6.40 4.00
CA TYR A 189 16.75 -6.00 3.27
C TYR A 189 16.68 -6.60 1.89
N ARG A 190 17.79 -6.75 1.18
CA ARG A 190 17.76 -7.37 -0.14
C ARG A 190 17.36 -8.79 -0.21
N GLU A 191 17.37 -9.54 0.89
CA GLU A 191 16.99 -10.93 0.85
C GLU A 191 15.46 -11.12 0.64
N LEU A 192 14.66 -10.14 1.08
CA LEU A 192 13.18 -10.31 1.03
C LEU A 192 12.72 -10.57 -0.40
N GLY A 193 13.26 -9.81 -1.35
CA GLY A 193 12.94 -10.04 -2.75
C GLY A 193 13.32 -11.41 -3.28
N ASN A 194 14.41 -12.03 -2.81
CA ASN A 194 14.63 -13.44 -3.20
C ASN A 194 13.51 -14.37 -2.77
N ILE A 195 13.04 -14.16 -1.54
CA ILE A 195 11.99 -14.97 -1.01
C ILE A 195 10.68 -14.76 -1.82
N ILE A 196 10.34 -13.49 -2.03
CA ILE A 196 9.06 -13.19 -2.73
C ILE A 196 9.01 -13.75 -4.14
N GLN A 197 10.08 -13.50 -4.87
CA GLN A 197 10.13 -13.94 -6.26
C GLN A 197 10.16 -15.47 -6.37
N LYS A 198 10.88 -16.13 -5.49
CA LYS A 198 10.88 -17.63 -5.53
C LYS A 198 9.47 -18.20 -5.50
N HIS A 199 8.63 -17.68 -4.57
CA HIS A 199 7.25 -18.16 -4.42
C HIS A 199 6.36 -17.76 -5.59
N ALA A 200 6.50 -16.52 -6.07
CA ALA A 200 5.70 -16.03 -7.18
C ALA A 200 5.98 -16.86 -8.46
N GLN A 201 7.26 -16.99 -8.75
CA GLN A 201 7.75 -17.74 -9.91
C GLN A 201 7.27 -19.21 -9.84
N ALA A 202 7.31 -19.81 -8.66
CA ALA A 202 6.83 -21.18 -8.54
C ALA A 202 5.39 -21.29 -8.91
N ASN A 203 4.64 -20.18 -8.89
CA ASN A 203 3.22 -20.28 -9.14
C ASN A 203 2.83 -19.65 -10.46
N GLY A 204 3.85 -19.43 -11.30
CA GLY A 204 3.67 -18.94 -12.63
C GLY A 204 3.40 -17.44 -12.71
N PHE A 205 3.66 -16.70 -11.63
CA PHE A 205 3.50 -15.25 -11.61
C PHE A 205 4.80 -14.48 -11.67
N SER A 206 4.68 -13.21 -12.02
CA SER A 206 5.86 -12.32 -12.07
C SER A 206 5.81 -11.20 -10.98
N VAL A 207 6.94 -10.51 -10.77
CA VAL A 207 7.07 -9.58 -9.67
C VAL A 207 7.39 -8.17 -10.20
N VAL A 208 6.54 -7.20 -9.90
CA VAL A 208 6.78 -5.82 -10.27
C VAL A 208 8.08 -5.30 -9.71
N ARG A 209 8.81 -4.59 -10.56
CA ARG A 209 10.11 -4.07 -10.25
C ARG A 209 10.16 -2.58 -9.89
N SER A 210 9.18 -1.77 -10.37
CA SER A 210 9.34 -0.33 -10.24
C SER A 210 8.91 0.25 -8.91
N TYR A 211 8.24 -0.56 -8.10
CA TYR A 211 7.77 -0.07 -6.83
C TYR A 211 8.30 -1.02 -5.75
N CYS A 212 8.65 -0.42 -4.61
CA CYS A 212 9.27 -1.09 -3.53
CA CYS A 212 9.31 -1.07 -3.50
C CYS A 212 8.58 -0.81 -2.18
N GLY A 213 8.81 -1.69 -1.22
CA GLY A 213 8.51 -1.40 0.19
C GLY A 213 9.46 -0.30 0.66
N HIS A 214 9.21 0.24 1.86
CA HIS A 214 9.88 1.45 2.26
C HIS A 214 9.84 1.69 3.74
N GLY A 215 10.89 2.35 4.25
CA GLY A 215 10.76 2.89 5.52
C GLY A 215 9.58 3.83 5.63
N ILE A 216 9.10 3.95 6.85
CA ILE A 216 8.02 4.78 7.20
C ILE A 216 8.02 5.08 8.69
N HIS A 217 7.78 6.36 9.00
CA HIS A 217 7.56 6.83 10.36
C HIS A 217 7.09 8.26 10.30
N LYS A 218 7.99 9.22 10.58
CA LYS A 218 7.67 10.62 10.44
C LYS A 218 7.61 11.04 8.96
N LEU A 219 8.20 10.24 8.09
CA LEU A 219 8.19 10.42 6.67
C LEU A 219 7.36 9.27 6.10
N MET A 220 6.57 9.49 5.06
CA MET A 220 5.81 8.37 4.45
CA MET A 220 5.81 8.37 4.50
C MET A 220 6.70 7.37 3.73
N HIS A 221 7.71 7.87 3.00
N HIS A 221 7.66 7.88 2.97
CA HIS A 221 8.58 7.05 2.18
CA HIS A 221 8.61 7.03 2.31
C HIS A 221 10.04 7.48 2.43
C HIS A 221 9.99 7.55 2.64
N THR A 222 10.81 6.62 3.09
CA THR A 222 12.20 6.94 3.41
C THR A 222 12.99 5.64 3.48
N ALA A 223 14.26 5.73 3.90
CA ALA A 223 15.12 4.55 3.93
C ALA A 223 14.57 3.52 4.94
N PRO A 224 14.61 2.23 4.58
CA PRO A 224 15.18 1.64 3.41
C PRO A 224 14.24 1.47 2.26
N ASN A 225 14.83 1.34 1.08
CA ASN A 225 14.13 0.93 -0.11
CA ASN A 225 14.14 0.94 -0.14
C ASN A 225 14.11 -0.57 -0.10
N VAL A 226 12.95 -1.18 -0.33
CA VAL A 226 12.87 -2.62 -0.23
C VAL A 226 12.22 -3.24 -1.47
N PRO A 227 13.01 -3.58 -2.51
CA PRO A 227 12.49 -4.33 -3.65
C PRO A 227 11.94 -5.66 -3.33
N HIS A 228 10.99 -6.11 -4.16
CA HIS A 228 10.33 -7.36 -3.98
C HIS A 228 10.80 -8.47 -4.91
N TYR A 229 11.80 -8.16 -5.74
CA TYR A 229 12.27 -9.10 -6.78
C TYR A 229 13.67 -9.65 -6.40
N ALA A 230 14.07 -10.77 -7.01
CA ALA A 230 15.31 -11.46 -6.64
C ALA A 230 16.57 -10.65 -7.08
N LYS A 231 17.67 -10.84 -6.36
CA LYS A 231 19.01 -10.24 -6.71
C LYS A 231 18.98 -8.76 -6.93
N ASN A 232 18.39 -8.07 -5.97
CA ASN A 232 18.31 -6.67 -6.01
C ASN A 232 19.47 -6.11 -5.21
N LYS A 233 19.60 -4.80 -5.22
CA LYS A 233 20.80 -4.15 -4.72
C LYS A 233 20.49 -3.37 -3.52
N ALA A 234 19.36 -3.68 -2.89
CA ALA A 234 18.96 -2.92 -1.71
C ALA A 234 20.09 -2.91 -0.72
N VAL A 235 20.19 -1.76 -0.07
CA VAL A 235 21.18 -1.45 0.90
C VAL A 235 20.63 -1.50 2.32
N GLY A 236 21.32 -2.28 3.16
CA GLY A 236 21.09 -2.17 4.61
C GLY A 236 20.81 -3.47 5.30
N VAL A 237 20.95 -3.46 6.62
CA VAL A 237 20.71 -4.64 7.40
C VAL A 237 19.69 -4.39 8.46
N MET A 238 18.80 -5.37 8.65
CA MET A 238 17.72 -5.17 9.65
C MET A 238 18.27 -5.13 11.06
N LYS A 239 17.71 -4.20 11.84
CA LYS A 239 18.01 -3.98 13.23
C LYS A 239 16.77 -3.67 14.02
N SER A 240 16.74 -4.11 15.28
CA SER A 240 15.69 -3.87 16.22
C SER A 240 15.41 -2.38 16.32
N GLY A 241 14.16 -1.96 16.10
CA GLY A 241 13.84 -0.55 16.08
C GLY A 241 13.65 0.06 14.69
N HIS A 242 14.00 -0.69 13.63
CA HIS A 242 13.63 -0.27 12.25
C HIS A 242 12.14 -0.50 12.01
N VAL A 243 11.53 0.42 11.26
CA VAL A 243 10.12 0.26 10.78
C VAL A 243 10.06 0.47 9.29
N PHE A 244 9.42 -0.49 8.62
CA PHE A 244 9.35 -0.46 7.16
C PHE A 244 8.19 -1.29 6.65
N THR A 245 7.86 -1.11 5.39
CA THR A 245 6.81 -1.91 4.80
C THR A 245 7.38 -2.93 3.89
N ILE A 246 6.61 -3.97 3.69
CA ILE A 246 6.77 -4.91 2.57
C ILE A 246 5.41 -4.99 1.86
N GLU A 247 5.40 -4.84 0.53
CA GLU A 247 4.13 -4.66 -0.22
C GLU A 247 4.27 -5.20 -1.61
N PRO A 248 4.52 -6.49 -1.72
CA PRO A 248 4.70 -7.04 -3.08
C PRO A 248 3.51 -6.96 -3.99
N MET A 249 3.78 -6.56 -5.23
CA MET A 249 2.85 -6.64 -6.31
C MET A 249 3.19 -7.80 -7.29
N ILE A 250 2.24 -8.68 -7.49
CA ILE A 250 2.50 -9.94 -8.25
C ILE A 250 1.56 -9.92 -9.45
N CYS A 251 1.97 -10.46 -10.62
CA CYS A 251 1.16 -10.31 -11.80
C CYS A 251 1.00 -11.64 -12.56
N GLU A 252 -0.17 -11.79 -13.16
CA GLU A 252 -0.60 -12.96 -13.95
C GLU A 252 0.22 -13.14 -15.19
N GLY A 253 0.70 -12.04 -15.70
CA GLY A 253 1.51 -11.97 -16.89
C GLY A 253 2.90 -11.59 -16.58
N GLY A 254 3.39 -10.59 -17.32
CA GLY A 254 4.74 -10.09 -17.21
C GLY A 254 4.78 -9.02 -16.15
N TRP A 255 6.00 -8.67 -15.75
CA TRP A 255 6.31 -7.79 -14.64
C TRP A 255 6.25 -6.32 -15.02
N GLN A 256 6.29 -6.01 -16.33
CA GLN A 256 6.52 -4.61 -16.72
C GLN A 256 5.27 -3.71 -16.40
N ASP A 257 5.54 -2.50 -16.03
CA ASP A 257 4.49 -1.57 -15.66
C ASP A 257 4.65 -0.31 -16.46
N GLU A 258 3.56 0.44 -16.54
CA GLU A 258 3.63 1.78 -17.01
C GLU A 258 2.58 2.66 -16.24
N THR A 259 2.68 3.96 -16.46
CA THR A 259 1.84 4.95 -15.73
C THR A 259 0.83 5.60 -16.65
N TRP A 260 -0.44 5.65 -16.25
CA TRP A 260 -1.45 6.42 -16.95
C TRP A 260 -1.14 7.88 -17.04
N PRO A 261 -1.80 8.59 -17.98
CA PRO A 261 -1.54 10.04 -18.16
C PRO A 261 -1.84 10.85 -16.88
N ASP A 262 -2.66 10.30 -15.98
CA ASP A 262 -2.90 10.92 -14.66
C ASP A 262 -1.66 11.09 -13.77
N GLY A 263 -0.56 10.43 -14.13
CA GLY A 263 0.71 10.52 -13.44
C GLY A 263 0.84 9.62 -12.22
N TRP A 264 -0.21 8.86 -11.93
CA TRP A 264 -0.23 7.99 -10.74
C TRP A 264 -0.60 6.52 -11.01
N THR A 265 -1.63 6.24 -11.83
CA THR A 265 -2.16 4.89 -11.96
C THR A 265 -1.08 4.03 -12.63
N ALA A 266 -0.56 3.05 -11.90
CA ALA A 266 0.41 2.08 -12.45
C ALA A 266 -0.34 0.87 -12.92
N VAL A 267 -0.09 0.43 -14.18
CA VAL A 267 -0.79 -0.66 -14.77
C VAL A 267 0.22 -1.64 -15.39
N THR A 268 -0.16 -2.91 -15.43
CA THR A 268 0.64 -3.91 -16.21
C THR A 268 0.65 -3.42 -17.70
N ARG A 269 1.84 -3.43 -18.30
CA ARG A 269 1.98 -3.13 -19.78
C ARG A 269 1.19 -4.12 -20.62
N ASP A 270 1.07 -5.33 -20.07
CA ASP A 270 0.30 -6.37 -20.78
CA ASP A 270 0.46 -6.46 -20.62
C ASP A 270 -1.16 -6.42 -20.46
N GLY A 271 -1.71 -5.56 -19.55
CA GLY A 271 -3.16 -5.64 -19.29
C GLY A 271 -3.74 -6.78 -18.44
N LYS A 272 -2.88 -7.69 -17.97
CA LYS A 272 -3.26 -8.77 -17.12
C LYS A 272 -3.24 -8.30 -15.62
N ARG A 273 -3.84 -9.12 -14.79
CA ARG A 273 -4.21 -8.69 -13.40
C ARG A 273 -2.98 -8.69 -12.50
N SER A 274 -3.00 -7.79 -11.49
CA SER A 274 -1.95 -7.70 -10.49
C SER A 274 -2.62 -7.59 -9.09
N ALA A 275 -2.01 -8.18 -8.09
CA ALA A 275 -2.49 -8.12 -6.72
C ALA A 275 -1.37 -7.71 -5.79
N GLN A 276 -1.77 -7.17 -4.62
CA GLN A 276 -0.81 -6.61 -3.69
C GLN A 276 -1.32 -6.78 -2.22
N PHE A 277 -0.40 -6.96 -1.29
CA PHE A 277 -0.71 -6.80 0.15
C PHE A 277 0.43 -6.06 0.75
N GLU A 278 0.12 -5.31 1.85
CA GLU A 278 1.11 -4.49 2.48
C GLU A 278 0.86 -4.42 3.99
N HIS A 279 1.94 -4.56 4.77
CA HIS A 279 1.95 -4.34 6.18
C HIS A 279 3.14 -3.40 6.49
N THR A 280 2.96 -2.66 7.59
CA THR A 280 4.03 -1.87 8.22
C THR A 280 4.55 -2.75 9.40
N LEU A 281 5.87 -2.88 9.46
CA LEU A 281 6.55 -3.83 10.31
C LEU A 281 7.50 -3.08 11.23
N LEU A 282 7.62 -3.56 12.44
CA LEU A 282 8.65 -3.11 13.36
C LEU A 282 9.58 -4.24 13.73
N VAL A 283 10.85 -4.07 13.49
CA VAL A 283 11.81 -5.17 13.78
C VAL A 283 12.06 -5.18 15.29
N THR A 284 12.00 -6.34 15.92
CA THR A 284 12.13 -6.46 17.37
C THR A 284 13.34 -7.33 17.60
N ASP A 285 13.72 -7.55 18.87
CA ASP A 285 14.83 -8.46 19.09
C ASP A 285 14.62 -9.88 18.58
N THR A 286 13.40 -10.39 18.56
CA THR A 286 13.16 -11.78 18.13
C THR A 286 12.65 -11.98 16.67
N GLY A 287 12.25 -10.91 16.01
CA GLY A 287 11.62 -11.01 14.74
C GLY A 287 11.03 -9.67 14.39
N CYS A 288 9.72 -9.63 14.31
CA CYS A 288 9.01 -8.38 14.04
CA CYS A 288 9.03 -8.38 14.03
C CYS A 288 7.60 -8.43 14.47
N GLU A 289 7.09 -7.25 14.69
CA GLU A 289 5.71 -6.98 15.10
C GLU A 289 4.98 -6.41 13.84
N ILE A 290 3.82 -6.98 13.53
CA ILE A 290 3.04 -6.51 12.38
C ILE A 290 2.13 -5.41 12.95
N LEU A 291 2.50 -4.16 12.71
CA LEU A 291 1.80 -3.05 13.32
C LEU A 291 0.43 -2.82 12.75
N THR A 292 0.22 -3.22 11.48
CA THR A 292 -1.05 -3.05 10.81
C THR A 292 -1.92 -4.33 10.78
N ARG A 293 -1.55 -5.29 11.63
CA ARG A 293 -2.32 -6.55 11.76
C ARG A 293 -3.80 -6.33 12.02
N ARG A 294 -4.58 -7.21 11.44
CA ARG A 294 -6.04 -7.31 11.72
C ARG A 294 -6.21 -7.90 13.11
N LEU A 295 -6.98 -7.25 13.98
CA LEU A 295 -6.98 -7.62 15.42
C LEU A 295 -8.07 -8.62 15.79
N ASP A 296 -9.20 -8.46 15.11
CA ASP A 296 -10.42 -9.23 15.28
C ASP A 296 -10.56 -10.44 14.29
N SER A 297 -9.50 -10.82 13.58
CA SER A 297 -9.47 -12.09 12.83
C SER A 297 -8.05 -12.47 12.55
N ALA A 298 -7.79 -13.75 12.44
CA ALA A 298 -6.44 -14.24 12.12
C ALA A 298 -5.99 -13.95 10.69
N ARG A 299 -6.98 -13.62 9.86
CA ARG A 299 -6.84 -13.69 8.40
C ARG A 299 -7.26 -12.41 7.66
N PRO A 300 -6.70 -12.21 6.48
CA PRO A 300 -7.16 -11.09 5.64
C PRO A 300 -8.59 -11.28 5.10
N HIS A 301 -9.17 -10.20 4.60
CA HIS A 301 -10.59 -10.23 4.24
C HIS A 301 -10.95 -11.19 3.12
N PHE A 302 -10.06 -11.37 2.17
CA PHE A 302 -10.36 -12.25 1.03
C PHE A 302 -10.60 -13.70 1.51
N MET A 303 -10.06 -14.07 2.67
CA MET A 303 -10.23 -15.43 3.17
CA MET A 303 -10.22 -15.41 3.20
C MET A 303 -11.59 -15.64 3.85
N SER A 304 -12.45 -14.62 3.90
CA SER A 304 -13.72 -14.78 4.65
C SER A 304 -14.62 -15.94 4.15
CO CO B . 0.43 1.71 1.01
CO CO C . 3.58 1.73 1.30
K K D . -5.01 -4.80 -8.95
C1 GOL E . -8.60 2.22 -10.96
O1 GOL E . -8.28 1.07 -10.05
C2 GOL E . -9.89 2.96 -10.53
O2 GOL E . -9.86 3.51 -9.21
C3 GOL E . -11.11 1.99 -10.57
O3 GOL E . -12.34 2.73 -10.38
O2 Q07 F . 3.52 3.60 -0.25
P Q07 F . 2.39 2.92 -1.01
O Q07 F . 2.79 2.85 -2.52
O1 Q07 F . 2.06 1.68 -0.58
C5 Q07 F . 0.93 4.02 -0.89
N Q07 F . 0.30 3.99 0.40
C3 Q07 F . 1.29 5.42 -1.25
C4 Q07 F . 2.02 6.14 -0.15
C2 Q07 F . 0.15 6.24 -1.77
C1 Q07 F . 0.62 7.48 -2.51
C Q07 F . -0.44 8.15 -3.34
#